data_6W06
#
_entry.id   6W06
#
_cell.length_a   38.420
_cell.length_b   72.211
_cell.length_c   103.980
_cell.angle_alpha   90.000
_cell.angle_beta   90.000
_cell.angle_gamma   90.000
#
_symmetry.space_group_name_H-M   'P 2 21 21'
#
loop_
_entity.id
_entity.type
_entity.pdbx_description
1 polymer 'Tyrosine-protein kinase BTK'
2 non-polymer 'DIMETHYL SULFOXIDE'
3 non-polymer 2,3-DIHYDROXY-1,4-DITHIOBUTANE
4 non-polymer 4-~{tert}-butyl-~{N}-[[4-(7~{H}-pyrrolo[2,3-d]pyrimidin-4-yl)phenyl]methyl]benzamide
5 water water
#
_entity_poly.entity_id   1
_entity_poly.type   'polypeptide(L)'
_entity_poly.pdbx_seq_one_letter_code
;GPLGSRLKYPVSQQNKNAPSTAGLGYGSWEIDPKDLTFLKELGTGQFGVVKYGKWRGQYDVAIKMIKEGSMSEDEFIEEA
KVMMNLSHEKLVQLYGVCTKQRPIFIITEYMANGCLLNYLREMRHRFQTQQLLEMCKDVCEAMEYLESKQFLHRDLAARN
CLVNDQGVVKVSDFGLSRYVLDDEYTSSVGSKFPVRWSPPEVLMYSKFSSKSDIWAFGVLMWEIYSLGKMPYERFTNSET
AEHIAQGLRLYRPHLASEKVYTIMYSCWHEKADERPTFKILLSNILDVMDEES
;
_entity_poly.pdbx_strand_id   A
#
loop_
_chem_comp.id
_chem_comp.type
_chem_comp.name
_chem_comp.formula
DMS non-polymer 'DIMETHYL SULFOXIDE' 'C2 H6 O S'
DTT non-polymer 2,3-DIHYDROXY-1,4-DITHIOBUTANE 'C4 H10 O2 S2'
S5M non-polymer 4-~{tert}-butyl-~{N}-[[4-(7~{H}-pyrrolo[2,3-d]pyrimidin-4-yl)phenyl]methyl]benzamide 'C24 H24 N4 O'
#
# COMPACT_ATOMS: atom_id res chain seq x y z
N GLY A 27 14.26 15.58 19.80
CA GLY A 27 14.08 14.15 19.63
C GLY A 27 14.54 13.66 18.27
N SER A 28 15.07 12.43 18.23
CA SER A 28 15.63 11.90 16.99
C SER A 28 14.59 11.79 15.88
N TRP A 29 13.31 11.75 16.21
CA TRP A 29 12.27 11.72 15.19
C TRP A 29 11.91 13.10 14.65
N GLU A 30 12.50 14.16 15.20
CA GLU A 30 12.07 15.52 14.92
C GLU A 30 12.95 16.16 13.87
N ILE A 31 12.33 16.65 12.80
CA ILE A 31 13.00 17.41 11.75
C ILE A 31 12.66 18.88 11.95
N ASP A 32 13.67 19.74 11.80
CA ASP A 32 13.46 21.18 11.85
C ASP A 32 12.83 21.63 10.54
N PRO A 33 11.62 22.19 10.56
CA PRO A 33 10.99 22.59 9.29
C PRO A 33 11.76 23.67 8.56
N LYS A 34 12.64 24.41 9.26
CA LYS A 34 13.47 25.38 8.57
C LYS A 34 14.51 24.72 7.64
N ASP A 35 14.71 23.41 7.76
CA ASP A 35 15.64 22.69 6.91
C ASP A 35 14.99 22.25 5.60
N LEU A 36 13.70 22.52 5.43
CA LEU A 36 12.96 22.12 4.25
C LEU A 36 12.87 23.28 3.27
N THR A 37 12.96 22.97 1.98
CA THR A 37 12.66 23.90 0.89
C THR A 37 11.54 23.29 0.07
N PHE A 38 10.38 23.95 0.00
CA PHE A 38 9.21 23.44 -0.70
C PHE A 38 9.27 23.82 -2.17
N LEU A 39 9.12 22.84 -3.06
CA LEU A 39 9.38 23.13 -4.48
C LEU A 39 8.21 22.83 -5.40
N LYS A 40 7.48 21.73 -5.19
CA LYS A 40 6.41 21.38 -6.10
C LYS A 40 5.32 20.63 -5.33
N GLU A 41 4.11 20.69 -5.87
CA GLU A 41 3.00 19.93 -5.30
C GLU A 41 2.97 18.53 -5.91
N LEU A 42 2.73 17.52 -5.07
CA LEU A 42 2.71 16.13 -5.52
C LEU A 42 1.31 15.53 -5.59
N GLY A 43 0.43 15.90 -4.68
CA GLY A 43 -0.89 15.32 -4.67
C GLY A 43 -1.59 15.63 -3.36
N THR A 44 -2.81 15.13 -3.24
CA THR A 44 -3.59 15.31 -2.04
C THR A 44 -4.17 13.97 -1.62
N GLY A 45 -4.08 13.68 -0.32
CA GLY A 45 -4.58 12.42 0.18
C GLY A 45 -5.48 12.59 1.38
N GLN A 46 -5.61 11.52 2.17
CA GLN A 46 -6.52 11.50 3.32
C GLN A 46 -6.19 12.58 4.33
N PHE A 47 -4.93 13.04 4.37
CA PHE A 47 -4.49 14.05 5.32
C PHE A 47 -4.21 15.39 4.68
N GLY A 48 -4.50 15.54 3.38
CA GLY A 48 -4.31 16.84 2.75
C GLY A 48 -3.23 16.84 1.69
N VAL A 49 -2.53 17.95 1.53
CA VAL A 49 -1.60 18.09 0.40
C VAL A 49 -0.23 17.51 0.77
N VAL A 50 0.45 17.01 -0.26
CA VAL A 50 1.81 16.49 -0.15
C VAL A 50 2.67 17.24 -1.14
N LYS A 51 3.85 17.68 -0.72
CA LYS A 51 4.73 18.45 -1.58
C LYS A 51 6.08 17.76 -1.72
N TYR A 52 6.73 18.04 -2.86
CA TYR A 52 8.12 17.69 -3.08
C TYR A 52 9.01 18.85 -2.61
N GLY A 53 10.10 18.50 -1.92
CA GLY A 53 11.05 19.52 -1.51
C GLY A 53 12.44 18.98 -1.27
N LYS A 54 13.30 19.86 -0.75
CA LYS A 54 14.67 19.52 -0.43
C LYS A 54 14.89 19.66 1.06
N TRP A 55 15.69 18.77 1.63
CA TRP A 55 16.14 18.87 3.01
C TRP A 55 17.59 19.31 2.99
N ARG A 56 17.89 20.37 3.74
CA ARG A 56 19.20 21.03 3.76
C ARG A 56 19.71 21.29 2.34
N GLY A 57 18.81 21.80 1.50
CA GLY A 57 19.14 22.27 0.16
C GLY A 57 19.66 21.24 -0.81
N GLN A 58 19.62 19.95 -0.45
CA GLN A 58 20.35 18.93 -1.17
C GLN A 58 19.56 17.65 -1.41
N TYR A 59 18.84 17.16 -0.40
CA TYR A 59 18.27 15.81 -0.42
C TYR A 59 16.76 15.85 -0.70
N ASP A 60 16.31 15.03 -1.66
CA ASP A 60 14.90 14.99 -2.03
C ASP A 60 14.06 14.41 -0.90
N VAL A 61 12.91 15.04 -0.64
CA VAL A 61 11.95 14.53 0.34
C VAL A 61 10.54 14.81 -0.17
N ALA A 62 9.60 13.98 0.30
CA ALA A 62 8.19 14.30 0.21
C ALA A 62 7.72 14.79 1.58
N ILE A 63 6.81 15.77 1.58
CA ILE A 63 6.38 16.43 2.80
C ILE A 63 4.87 16.41 2.87
N LYS A 64 4.32 15.60 3.78
CA LYS A 64 2.87 15.62 4.00
C LYS A 64 2.52 16.76 4.95
N MET A 65 1.62 17.63 4.52
CA MET A 65 1.13 18.72 5.37
C MET A 65 -0.24 18.30 5.89
N ILE A 66 -0.29 17.91 7.16
CA ILE A 66 -1.45 17.24 7.75
C ILE A 66 -2.52 18.29 8.01
N LYS A 67 -3.63 18.22 7.26
CA LYS A 67 -4.71 19.18 7.44
C LYS A 67 -5.35 19.06 8.82
N GLU A 68 -5.68 20.21 9.40
N GLU A 68 -5.68 20.21 9.40
CA GLU A 68 -6.26 20.25 10.73
CA GLU A 68 -6.31 20.28 10.72
C GLU A 68 -7.55 19.44 10.81
C GLU A 68 -7.56 19.41 10.77
N GLY A 69 -7.65 18.60 11.84
CA GLY A 69 -8.83 17.77 12.05
C GLY A 69 -8.85 16.45 11.32
N SER A 70 -7.84 16.16 10.50
CA SER A 70 -7.84 14.93 9.71
C SER A 70 -7.17 13.75 10.42
N MET A 71 -6.36 14.01 11.44
CA MET A 71 -5.52 13.00 12.06
C MET A 71 -5.59 13.06 13.58
N SER A 72 -5.54 11.88 14.22
CA SER A 72 -5.30 11.76 15.66
C SER A 72 -3.81 12.00 15.89
N GLU A 73 -3.44 13.27 16.08
CA GLU A 73 -2.05 13.66 15.94
C GLU A 73 -1.18 13.18 17.10
N ASP A 74 -1.68 13.32 18.33
CA ASP A 74 -0.91 12.86 19.48
C ASP A 74 -0.63 11.37 19.40
N GLU A 75 -1.62 10.57 18.98
CA GLU A 75 -1.38 9.14 18.85
C GLU A 75 -0.39 8.83 17.73
N PHE A 76 -0.48 9.56 16.60
CA PHE A 76 0.48 9.33 15.53
C PHE A 76 1.90 9.63 15.98
N ILE A 77 2.08 10.74 16.71
CA ILE A 77 3.42 11.16 17.11
C ILE A 77 4.09 10.11 17.98
N GLU A 78 3.32 9.48 18.87
CA GLU A 78 3.88 8.39 19.66
C GLU A 78 4.25 7.20 18.77
N GLU A 79 3.39 6.86 17.81
CA GLU A 79 3.68 5.74 16.93
C GLU A 79 4.79 6.06 15.95
N ALA A 80 4.99 7.34 15.63
CA ALA A 80 6.07 7.72 14.72
C ALA A 80 7.41 7.17 15.19
N LYS A 81 7.61 7.08 16.50
CA LYS A 81 8.82 6.49 17.04
C LYS A 81 8.99 5.05 16.55
N VAL A 82 7.92 4.25 16.63
CA VAL A 82 7.96 2.87 16.15
C VAL A 82 8.21 2.84 14.65
N MET A 83 7.51 3.68 13.91
CA MET A 83 7.62 3.62 12.46
C MET A 83 9.00 4.08 11.98
N MET A 84 9.66 4.95 12.75
CA MET A 84 11.00 5.40 12.39
C MET A 84 11.96 4.23 12.23
N ASN A 85 11.82 3.21 13.07
CA ASN A 85 12.74 2.08 13.05
C ASN A 85 12.29 0.95 12.11
N LEU A 86 11.21 1.14 11.37
CA LEU A 86 10.89 0.23 10.27
C LEU A 86 11.71 0.66 9.07
N SER A 87 12.71 -0.15 8.73
CA SER A 87 13.65 0.20 7.68
C SER A 87 13.81 -1.01 6.78
N HIS A 88 13.34 -0.89 5.55
CA HIS A 88 13.55 -1.94 4.58
C HIS A 88 13.66 -1.25 3.23
N GLU A 89 14.51 -1.82 2.37
CA GLU A 89 14.75 -1.25 1.06
C GLU A 89 13.46 -1.09 0.25
N LYS A 90 12.40 -1.85 0.56
CA LYS A 90 11.17 -1.79 -0.23
C LYS A 90 10.01 -1.14 0.53
N LEU A 91 10.30 -0.49 1.67
CA LEU A 91 9.33 0.35 2.37
C LEU A 91 9.71 1.79 2.14
N VAL A 92 8.72 2.62 1.80
CA VAL A 92 8.98 4.07 1.73
C VAL A 92 9.37 4.54 3.13
N GLN A 93 10.56 5.11 3.25
CA GLN A 93 11.15 5.42 4.55
C GLN A 93 10.51 6.66 5.18
N LEU A 94 10.19 6.56 6.47
CA LEU A 94 9.80 7.74 7.24
C LEU A 94 11.07 8.39 7.77
N TYR A 95 11.34 9.63 7.34
CA TYR A 95 12.54 10.34 7.77
C TYR A 95 12.35 11.07 9.09
N GLY A 96 11.14 11.53 9.37
CA GLY A 96 10.89 12.27 10.59
C GLY A 96 9.57 13.02 10.49
N VAL A 97 9.31 13.78 11.55
CA VAL A 97 8.10 14.57 11.67
C VAL A 97 8.46 15.95 12.17
N CYS A 98 7.61 16.92 11.83
CA CYS A 98 7.73 18.29 12.33
C CYS A 98 6.48 18.55 13.15
N THR A 99 6.61 18.51 14.48
CA THR A 99 5.43 18.54 15.34
C THR A 99 5.29 19.79 16.19
N LYS A 100 6.26 20.71 16.19
CA LYS A 100 6.15 21.87 17.05
C LYS A 100 5.29 22.98 16.45
N GLN A 101 4.70 22.76 15.28
CA GLN A 101 3.78 23.73 14.71
C GLN A 101 2.63 22.98 14.06
N ARG A 102 1.55 23.71 13.80
CA ARG A 102 0.39 23.17 13.10
C ARG A 102 0.18 23.97 11.82
N PRO A 103 0.02 23.31 10.66
CA PRO A 103 -0.07 21.84 10.56
C PRO A 103 1.27 21.13 10.76
N ILE A 104 1.20 19.93 11.34
CA ILE A 104 2.40 19.10 11.45
C ILE A 104 2.78 18.55 10.08
N PHE A 105 4.06 18.22 9.92
CA PHE A 105 4.57 17.66 8.68
C PHE A 105 5.08 16.25 8.92
N ILE A 106 4.84 15.37 7.94
CA ILE A 106 5.47 14.06 7.88
C ILE A 106 6.44 14.07 6.71
N ILE A 107 7.69 13.73 6.96
CA ILE A 107 8.75 13.82 5.95
C ILE A 107 9.11 12.40 5.56
N THR A 108 8.99 12.07 4.28
CA THR A 108 9.24 10.70 3.80
C THR A 108 10.18 10.70 2.59
N GLU A 109 10.62 9.49 2.24
CA GLU A 109 11.38 9.24 1.03
C GLU A 109 10.59 9.71 -0.20
N TYR A 110 11.27 10.41 -1.10
CA TYR A 110 10.66 10.86 -2.35
C TYR A 110 10.81 9.76 -3.40
N MET A 111 9.74 9.53 -4.15
CA MET A 111 9.66 8.49 -5.18
C MET A 111 9.32 9.17 -6.51
N ALA A 112 10.31 9.29 -7.38
CA ALA A 112 10.18 10.13 -8.57
C ALA A 112 9.01 9.74 -9.46
N ASN A 113 8.60 8.47 -9.48
CA ASN A 113 7.60 8.06 -10.46
C ASN A 113 6.21 7.92 -9.87
N GLY A 114 6.03 8.35 -8.62
CA GLY A 114 4.67 8.51 -8.12
C GLY A 114 3.96 7.21 -7.77
N CYS A 115 2.64 7.32 -7.65
N CYS A 115 2.63 7.33 -7.74
CA CYS A 115 1.90 6.17 -7.14
CA CYS A 115 1.75 6.24 -7.35
C CYS A 115 1.80 5.06 -8.17
C CYS A 115 1.91 5.04 -8.27
N LEU A 116 1.92 3.83 -7.68
CA LEU A 116 1.92 2.64 -8.52
C LEU A 116 0.66 2.56 -9.39
N LEU A 117 -0.50 2.93 -8.83
CA LEU A 117 -1.75 2.82 -9.59
C LEU A 117 -1.69 3.64 -10.87
N ASN A 118 -1.25 4.89 -10.78
CA ASN A 118 -1.17 5.70 -11.99
C ASN A 118 -0.09 5.20 -12.92
N TYR A 119 1.02 4.72 -12.35
CA TYR A 119 2.11 4.17 -13.13
C TYR A 119 1.66 2.99 -13.98
N LEU A 120 0.91 2.07 -13.37
CA LEU A 120 0.37 0.91 -14.09
C LEU A 120 -0.54 1.31 -15.24
N ARG A 121 -1.29 2.40 -15.08
CA ARG A 121 -2.29 2.83 -16.05
C ARG A 121 -1.68 3.59 -17.22
N GLU A 122 -0.41 3.96 -17.14
CA GLU A 122 0.30 4.60 -18.25
C GLU A 122 0.69 3.49 -19.24
N MET A 123 -0.08 3.33 -20.31
CA MET A 123 0.19 2.22 -21.23
C MET A 123 1.49 2.39 -22.02
N ARG A 124 2.09 3.58 -22.02
CA ARG A 124 3.36 3.75 -22.74
C ARG A 124 4.45 2.83 -22.20
N HIS A 125 4.36 2.44 -20.94
CA HIS A 125 5.43 1.62 -20.38
C HIS A 125 5.54 0.28 -21.09
N ARG A 126 4.44 -0.21 -21.67
CA ARG A 126 4.39 -1.49 -22.37
C ARG A 126 5.14 -2.57 -21.58
N PHE A 127 4.69 -2.77 -20.34
CA PHE A 127 5.38 -3.65 -19.41
C PHE A 127 5.48 -5.07 -19.92
N GLN A 128 6.64 -5.68 -19.69
N GLN A 128 6.64 -5.69 -19.68
CA GLN A 128 6.78 -7.12 -19.83
CA GLN A 128 6.78 -7.12 -19.82
C GLN A 128 6.22 -7.78 -18.58
C GLN A 128 6.22 -7.78 -18.57
N THR A 129 5.75 -9.02 -18.73
CA THR A 129 5.24 -9.72 -17.55
C THR A 129 6.33 -9.98 -16.52
N GLN A 130 7.61 -10.03 -16.93
CA GLN A 130 8.68 -10.16 -15.95
C GLN A 130 8.79 -8.92 -15.07
N GLN A 131 8.52 -7.73 -15.64
CA GLN A 131 8.53 -6.51 -14.83
C GLN A 131 7.36 -6.49 -13.85
N LEU A 132 6.21 -6.97 -14.29
CA LEU A 132 5.05 -7.04 -13.41
C LEU A 132 5.32 -7.94 -12.22
N LEU A 133 5.97 -9.09 -12.47
CA LEU A 133 6.27 -10.00 -11.37
C LEU A 133 7.27 -9.38 -10.40
N GLU A 134 8.25 -8.62 -10.92
CA GLU A 134 9.19 -7.93 -10.04
C GLU A 134 8.51 -6.87 -9.18
N MET A 135 7.47 -6.20 -9.70
CA MET A 135 6.71 -5.29 -8.82
C MET A 135 6.07 -6.05 -7.68
N CYS A 136 5.50 -7.23 -7.98
CA CYS A 136 4.88 -8.04 -6.95
C CYS A 136 5.91 -8.47 -5.92
N LYS A 137 7.10 -8.85 -6.39
CA LYS A 137 8.14 -9.28 -5.44
C LYS A 137 8.60 -8.12 -4.57
N ASP A 138 8.78 -6.94 -5.16
CA ASP A 138 9.13 -5.76 -4.36
C ASP A 138 8.16 -5.60 -3.20
N VAL A 139 6.87 -5.58 -3.50
CA VAL A 139 5.86 -5.41 -2.46
C VAL A 139 5.93 -6.56 -1.46
N CYS A 140 6.04 -7.80 -1.97
CA CYS A 140 6.00 -8.94 -1.07
C CYS A 140 7.18 -8.92 -0.10
N GLU A 141 8.35 -8.46 -0.55
CA GLU A 141 9.51 -8.31 0.34
C GLU A 141 9.23 -7.30 1.44
N ALA A 142 8.66 -6.14 1.09
CA ALA A 142 8.29 -5.18 2.12
C ALA A 142 7.29 -5.79 3.10
N MET A 143 6.28 -6.50 2.59
CA MET A 143 5.28 -7.05 3.49
C MET A 143 5.80 -8.22 4.33
N GLU A 144 6.73 -9.01 3.81
N GLU A 144 6.75 -8.99 3.80
CA GLU A 144 7.38 -10.02 4.65
CA GLU A 144 7.37 -10.01 4.63
C GLU A 144 8.12 -9.35 5.80
C GLU A 144 8.16 -9.39 5.77
N TYR A 145 8.78 -8.24 5.53
CA TYR A 145 9.45 -7.50 6.59
C TYR A 145 8.45 -6.99 7.63
N LEU A 146 7.37 -6.35 7.17
CA LEU A 146 6.35 -5.87 8.11
C LEU A 146 5.78 -7.02 8.94
N GLU A 147 5.48 -8.14 8.29
CA GLU A 147 4.95 -9.31 8.99
C GLU A 147 5.93 -9.81 10.05
N SER A 148 7.22 -9.78 9.75
CA SER A 148 8.22 -10.22 10.72
C SER A 148 8.27 -9.31 11.93
N LYS A 149 7.79 -8.08 11.80
CA LYS A 149 7.68 -7.13 12.90
C LYS A 149 6.28 -7.09 13.49
N GLN A 150 5.39 -7.99 13.06
CA GLN A 150 4.00 -8.04 13.53
C GLN A 150 3.28 -6.71 13.30
N PHE A 151 3.60 -6.05 12.19
CA PHE A 151 3.10 -4.73 11.85
C PHE A 151 2.19 -4.84 10.63
N LEU A 152 0.93 -4.47 10.79
CA LEU A 152 -0.04 -4.54 9.69
C LEU A 152 -0.01 -3.27 8.86
N HIS A 153 -0.13 -3.41 7.54
CA HIS A 153 -0.31 -2.24 6.70
C HIS A 153 -1.69 -1.62 6.93
N ARG A 154 -2.74 -2.43 6.78
CA ARG A 154 -4.19 -2.18 6.96
C ARG A 154 -4.85 -1.54 5.73
N ASP A 155 -4.09 -1.03 4.77
CA ASP A 155 -4.70 -0.49 3.55
C ASP A 155 -3.77 -0.73 2.36
N LEU A 156 -3.33 -1.97 2.18
CA LEU A 156 -2.45 -2.31 1.08
C LEU A 156 -3.24 -2.34 -0.22
N ALA A 157 -2.72 -1.69 -1.25
CA ALA A 157 -3.38 -1.50 -2.54
C ALA A 157 -2.41 -0.72 -3.42
N ALA A 158 -2.65 -0.74 -4.73
CA ALA A 158 -1.73 -0.09 -5.67
C ALA A 158 -1.64 1.40 -5.41
N ARG A 159 -2.73 2.02 -4.97
CA ARG A 159 -2.71 3.45 -4.66
C ARG A 159 -1.79 3.79 -3.50
N ASN A 160 -1.46 2.82 -2.64
CA ASN A 160 -0.58 3.03 -1.50
C ASN A 160 0.77 2.32 -1.71
N CYS A 161 1.21 2.26 -2.95
CA CYS A 161 2.56 1.88 -3.30
C CYS A 161 3.09 2.99 -4.18
N LEU A 162 4.39 3.26 -4.10
CA LEU A 162 5.02 4.29 -4.91
C LEU A 162 6.15 3.66 -5.71
N VAL A 163 6.66 4.41 -6.70
CA VAL A 163 7.63 3.91 -7.68
C VAL A 163 8.75 4.93 -7.79
N ASN A 164 10.01 4.47 -7.69
CA ASN A 164 11.15 5.38 -7.68
C ASN A 164 11.73 5.51 -9.08
N ASP A 165 12.82 6.29 -9.21
CA ASP A 165 13.36 6.56 -10.53
C ASP A 165 13.97 5.34 -11.21
N GLN A 166 14.18 4.24 -10.48
CA GLN A 166 14.69 3.01 -11.06
C GLN A 166 13.59 2.00 -11.32
N GLY A 167 12.33 2.37 -11.11
CA GLY A 167 11.25 1.42 -11.33
C GLY A 167 10.98 0.49 -10.17
N VAL A 168 11.66 0.68 -9.05
CA VAL A 168 11.41 -0.12 -7.86
C VAL A 168 10.12 0.35 -7.19
N VAL A 169 9.26 -0.60 -6.83
CA VAL A 169 8.03 -0.32 -6.10
C VAL A 169 8.32 -0.44 -4.61
N LYS A 170 7.78 0.50 -3.83
CA LYS A 170 7.86 0.46 -2.38
C LYS A 170 6.49 0.70 -1.76
N VAL A 171 6.26 0.08 -0.61
CA VAL A 171 4.98 0.18 0.09
C VAL A 171 4.97 1.46 0.93
N SER A 172 3.88 2.22 0.85
CA SER A 172 3.81 3.51 1.52
C SER A 172 2.62 3.58 2.48
N ASP A 173 2.76 4.47 3.47
CA ASP A 173 1.69 4.88 4.38
C ASP A 173 1.12 3.69 5.18
N PHE A 174 2.01 2.74 5.45
CA PHE A 174 1.67 1.57 6.25
C PHE A 174 1.33 1.98 7.68
N GLY A 175 0.25 1.40 8.21
CA GLY A 175 -0.18 1.67 9.57
C GLY A 175 -0.93 2.96 9.79
N LEU A 176 -0.84 3.93 8.87
CA LEU A 176 -1.38 5.27 9.13
C LEU A 176 -2.90 5.29 9.24
N SER A 177 -3.58 4.23 8.80
CA SER A 177 -5.05 4.19 8.85
C SER A 177 -5.56 4.30 10.28
N ARG A 178 -4.75 3.88 11.25
CA ARG A 178 -5.18 3.93 12.65
C ARG A 178 -5.39 5.36 13.15
N TYR A 179 -4.88 6.38 12.44
CA TYR A 179 -4.95 7.76 12.91
C TYR A 179 -5.83 8.64 12.03
N VAL A 180 -6.61 8.05 11.14
CA VAL A 180 -7.55 8.78 10.30
C VAL A 180 -8.82 9.07 11.11
N LEU A 181 -9.25 10.34 11.14
CA LEU A 181 -10.42 10.69 11.92
C LEU A 181 -11.73 10.63 11.13
N ASP A 182 -11.66 10.38 9.83
CA ASP A 182 -12.79 10.39 8.92
C ASP A 182 -13.54 9.07 9.00
N ASP A 183 -14.77 9.11 9.55
CA ASP A 183 -15.57 7.89 9.68
C ASP A 183 -15.96 7.28 8.33
N GLU A 184 -16.02 8.08 7.27
CA GLU A 184 -16.31 7.52 5.95
C GLU A 184 -15.20 6.59 5.48
N TYR A 185 -13.98 6.76 6.00
CA TYR A 185 -12.88 5.88 5.65
C TYR A 185 -12.81 4.67 6.59
N THR A 186 -13.12 4.85 7.87
CA THR A 186 -12.93 3.80 8.85
C THR A 186 -14.11 2.84 8.97
N SER A 187 -15.31 3.28 8.64
CA SER A 187 -16.48 2.40 8.74
C SER A 187 -16.52 1.45 7.54
N SER A 188 -16.79 0.17 7.83
CA SER A 188 -16.86 -0.82 6.75
C SER A 188 -18.01 -0.52 5.80
N VAL A 189 -19.05 0.18 6.27
CA VAL A 189 -20.08 0.73 5.39
C VAL A 189 -19.71 2.12 4.90
N GLY A 190 -18.56 2.67 5.31
CA GLY A 190 -18.19 3.99 4.90
C GLY A 190 -17.86 4.07 3.42
N SER A 191 -18.09 5.26 2.85
CA SER A 191 -17.96 5.43 1.42
C SER A 191 -16.51 5.39 0.94
N LYS A 192 -15.55 5.57 1.84
CA LYS A 192 -14.13 5.56 1.50
C LYS A 192 -13.41 4.31 1.99
N PHE A 193 -14.11 3.38 2.63
CA PHE A 193 -13.47 2.17 3.14
C PHE A 193 -13.04 1.28 1.99
N PRO A 194 -11.88 0.60 2.10
CA PRO A 194 -11.36 -0.22 0.99
C PRO A 194 -12.03 -1.58 0.88
N VAL A 195 -13.33 -1.56 0.57
CA VAL A 195 -14.10 -2.80 0.44
C VAL A 195 -13.43 -3.77 -0.52
N ARG A 196 -12.97 -3.28 -1.67
CA ARG A 196 -12.50 -4.18 -2.72
C ARG A 196 -11.17 -4.84 -2.39
N TRP A 197 -10.50 -4.43 -1.32
CA TRP A 197 -9.26 -5.01 -0.86
C TRP A 197 -9.44 -5.79 0.44
N SER A 198 -10.71 -6.11 0.81
CA SER A 198 -11.01 -6.61 2.15
C SER A 198 -11.55 -8.02 2.12
N PRO A 199 -11.07 -8.88 3.02
CA PRO A 199 -11.58 -10.24 3.07
C PRO A 199 -12.94 -10.31 3.75
N PRO A 200 -13.63 -11.44 3.62
CA PRO A 200 -14.98 -11.55 4.19
C PRO A 200 -15.04 -11.26 5.68
N GLU A 201 -14.04 -11.68 6.46
CA GLU A 201 -14.11 -11.46 7.91
C GLU A 201 -13.92 -10.00 8.29
N VAL A 202 -13.31 -9.20 7.42
CA VAL A 202 -13.28 -7.76 7.66
C VAL A 202 -14.65 -7.14 7.36
N LEU A 203 -15.22 -7.49 6.21
CA LEU A 203 -16.50 -6.92 5.81
C LEU A 203 -17.62 -7.31 6.77
N MET A 204 -17.57 -8.52 7.31
CA MET A 204 -18.60 -9.04 8.20
C MET A 204 -18.40 -8.62 9.65
N TYR A 205 -17.16 -8.70 10.15
CA TYR A 205 -16.90 -8.61 11.58
C TYR A 205 -15.84 -7.60 11.96
N SER A 206 -15.28 -6.87 11.02
CA SER A 206 -14.11 -6.01 11.29
C SER A 206 -12.97 -6.79 11.96
N LYS A 207 -12.71 -8.00 11.49
N LYS A 207 -12.70 -7.99 11.45
CA LYS A 207 -11.65 -8.84 12.02
CA LYS A 207 -11.66 -8.86 11.99
C LYS A 207 -10.41 -8.61 11.17
C LYS A 207 -10.39 -8.64 11.17
N PHE A 208 -9.54 -7.73 11.64
CA PHE A 208 -8.29 -7.42 10.94
C PHE A 208 -7.16 -8.28 11.49
N SER A 209 -6.24 -8.70 10.61
CA SER A 209 -5.14 -9.57 11.01
C SER A 209 -4.06 -9.59 9.93
N SER A 210 -2.98 -10.33 10.19
CA SER A 210 -2.02 -10.58 9.12
C SER A 210 -2.70 -11.11 7.86
N LYS A 211 -3.77 -11.88 8.03
CA LYS A 211 -4.41 -12.50 6.88
C LYS A 211 -5.31 -11.54 6.11
N SER A 212 -5.67 -10.38 6.66
CA SER A 212 -6.34 -9.38 5.83
C SER A 212 -5.34 -8.61 4.96
N ASP A 213 -4.10 -8.56 5.43
CA ASP A 213 -3.03 -7.94 4.66
C ASP A 213 -2.73 -8.89 3.50
N ILE A 214 -2.77 -10.19 3.76
CA ILE A 214 -2.55 -11.21 2.73
C ILE A 214 -3.61 -11.10 1.64
N TRP A 215 -4.90 -11.01 2.04
CA TRP A 215 -5.99 -10.85 1.08
C TRP A 215 -5.75 -9.64 0.18
N ALA A 216 -5.45 -8.49 0.80
CA ALA A 216 -5.20 -7.25 0.06
C ALA A 216 -4.04 -7.39 -0.90
N PHE A 217 -2.98 -8.12 -0.49
CA PHE A 217 -1.84 -8.32 -1.37
C PHE A 217 -2.26 -9.09 -2.62
N GLY A 218 -3.14 -10.08 -2.48
CA GLY A 218 -3.62 -10.79 -3.67
C GLY A 218 -4.35 -9.86 -4.62
N VAL A 219 -5.19 -8.97 -4.07
CA VAL A 219 -5.88 -7.97 -4.89
C VAL A 219 -4.88 -7.03 -5.55
N LEU A 220 -3.84 -6.61 -4.80
CA LEU A 220 -2.77 -5.80 -5.39
C LEU A 220 -2.07 -6.54 -6.54
N MET A 221 -1.77 -7.85 -6.37
CA MET A 221 -1.20 -8.59 -7.51
C MET A 221 -2.13 -8.52 -8.71
N TRP A 222 -3.42 -8.70 -8.49
CA TRP A 222 -4.39 -8.58 -9.56
C TRP A 222 -4.39 -7.19 -10.21
N GLU A 223 -4.31 -6.12 -9.39
CA GLU A 223 -4.18 -4.76 -9.92
C GLU A 223 -2.98 -4.63 -10.84
N ILE A 224 -1.83 -5.14 -10.38
CA ILE A 224 -0.60 -5.06 -11.17
C ILE A 224 -0.78 -5.77 -12.51
N TYR A 225 -1.25 -7.03 -12.49
CA TYR A 225 -1.38 -7.74 -13.75
C TYR A 225 -2.53 -7.25 -14.61
N SER A 226 -3.45 -6.47 -14.05
N SER A 226 -3.46 -6.48 -14.05
CA SER A 226 -4.54 -5.86 -14.81
CA SER A 226 -4.52 -5.88 -14.85
C SER A 226 -4.20 -4.44 -15.25
C SER A 226 -4.19 -4.45 -15.29
N LEU A 227 -2.95 -4.00 -15.05
CA LEU A 227 -2.50 -2.64 -15.40
C LEU A 227 -3.40 -1.59 -14.78
N GLY A 228 -3.81 -1.82 -13.53
CA GLY A 228 -4.45 -0.79 -12.75
C GLY A 228 -5.96 -0.69 -12.90
N LYS A 229 -6.59 -1.71 -13.47
CA LYS A 229 -8.04 -1.75 -13.49
C LYS A 229 -8.59 -1.77 -12.07
N MET A 230 -9.80 -1.22 -11.90
CA MET A 230 -10.49 -1.31 -10.61
C MET A 230 -10.92 -2.75 -10.37
N PRO A 231 -10.61 -3.35 -9.21
CA PRO A 231 -11.13 -4.69 -8.92
C PRO A 231 -12.66 -4.67 -8.89
N TYR A 232 -13.27 -5.72 -9.45
CA TYR A 232 -14.74 -5.84 -9.51
C TYR A 232 -15.34 -4.60 -10.18
N GLU A 233 -14.78 -4.24 -11.33
CA GLU A 233 -15.00 -2.89 -11.87
C GLU A 233 -16.46 -2.62 -12.21
N ARG A 234 -17.26 -3.64 -12.49
CA ARG A 234 -18.64 -3.37 -12.86
C ARG A 234 -19.59 -3.37 -11.67
N PHE A 235 -19.07 -3.59 -10.46
CA PHE A 235 -19.87 -3.70 -9.24
C PHE A 235 -19.68 -2.46 -8.39
N THR A 236 -20.71 -2.11 -7.62
CA THR A 236 -20.55 -1.17 -6.52
C THR A 236 -19.82 -1.84 -5.35
N ASN A 237 -19.48 -1.03 -4.35
CA ASN A 237 -18.90 -1.60 -3.12
C ASN A 237 -19.88 -2.56 -2.47
N SER A 238 -21.15 -2.16 -2.37
N SER A 238 -21.15 -2.18 -2.37
CA SER A 238 -22.14 -3.02 -1.72
CA SER A 238 -22.11 -3.04 -1.70
C SER A 238 -22.28 -4.34 -2.46
C SER A 238 -22.29 -4.35 -2.46
N GLU A 239 -22.31 -4.28 -3.79
CA GLU A 239 -22.40 -5.50 -4.59
C GLU A 239 -21.15 -6.36 -4.44
N THR A 240 -19.97 -5.74 -4.37
CA THR A 240 -18.74 -6.49 -4.20
C THR A 240 -18.77 -7.26 -2.89
N ALA A 241 -19.16 -6.59 -1.79
CA ALA A 241 -19.21 -7.25 -0.50
C ALA A 241 -20.15 -8.45 -0.54
N GLU A 242 -21.31 -8.30 -1.16
CA GLU A 242 -22.25 -9.42 -1.25
C GLU A 242 -21.66 -10.58 -2.07
N HIS A 243 -21.05 -10.27 -3.21
CA HIS A 243 -20.52 -11.33 -4.07
C HIS A 243 -19.35 -12.05 -3.41
N ILE A 244 -18.50 -11.31 -2.69
CA ILE A 244 -17.36 -11.92 -2.03
C ILE A 244 -17.83 -12.87 -0.93
N ALA A 245 -18.91 -12.50 -0.25
CA ALA A 245 -19.46 -13.36 0.80
C ALA A 245 -20.02 -14.65 0.21
N GLN A 246 -20.65 -14.56 -0.97
CA GLN A 246 -21.14 -15.74 -1.66
C GLN A 246 -20.04 -16.56 -2.32
N GLY A 247 -18.78 -16.12 -2.23
CA GLY A 247 -17.68 -16.88 -2.77
C GLY A 247 -17.19 -16.46 -4.14
N LEU A 248 -17.74 -15.40 -4.72
CA LEU A 248 -17.20 -14.90 -5.98
C LEU A 248 -15.78 -14.40 -5.74
N ARG A 249 -14.96 -14.50 -6.79
CA ARG A 249 -13.57 -14.08 -6.74
C ARG A 249 -13.23 -13.31 -8.01
N LEU A 250 -12.18 -12.50 -7.90
CA LEU A 250 -11.57 -11.95 -9.10
C LEU A 250 -11.07 -13.10 -9.97
N TYR A 251 -10.95 -12.86 -11.26
CA TYR A 251 -10.46 -13.94 -12.11
C TYR A 251 -9.20 -13.48 -12.83
N ARG A 252 -8.67 -14.37 -13.65
CA ARG A 252 -7.30 -14.27 -14.13
C ARG A 252 -7.10 -13.09 -15.08
N PRO A 253 -6.23 -12.12 -14.74
CA PRO A 253 -5.89 -11.08 -15.70
C PRO A 253 -5.23 -11.68 -16.93
N HIS A 254 -5.47 -11.04 -18.08
CA HIS A 254 -4.93 -11.52 -19.35
C HIS A 254 -3.42 -11.72 -19.30
N LEU A 255 -2.70 -10.87 -18.58
CA LEU A 255 -1.24 -10.93 -18.56
C LEU A 255 -0.68 -11.89 -17.51
N ALA A 256 -1.53 -12.48 -16.67
CA ALA A 256 -1.07 -13.40 -15.63
C ALA A 256 -1.04 -14.82 -16.17
N SER A 257 0.10 -15.47 -16.02
CA SER A 257 0.19 -16.91 -16.26
C SER A 257 -0.66 -17.67 -15.25
N GLU A 258 -0.86 -18.96 -15.53
CA GLU A 258 -1.57 -19.82 -14.60
C GLU A 258 -0.86 -19.87 -13.25
N LYS A 259 0.47 -19.94 -13.26
CA LYS A 259 1.21 -20.03 -11.99
C LYS A 259 1.11 -18.73 -11.20
N VAL A 260 1.13 -17.58 -11.89
CA VAL A 260 0.95 -16.33 -11.18
C VAL A 260 -0.46 -16.21 -10.62
N TYR A 261 -1.47 -16.60 -11.41
CA TYR A 261 -2.84 -16.58 -10.93
C TYR A 261 -3.01 -17.46 -9.70
N THR A 262 -2.36 -18.64 -9.69
CA THR A 262 -2.43 -19.51 -8.51
C THR A 262 -1.95 -18.79 -7.26
N ILE A 263 -0.91 -17.97 -7.38
CA ILE A 263 -0.39 -17.25 -6.21
C ILE A 263 -1.41 -16.23 -5.70
N MET A 264 -1.92 -15.36 -6.60
CA MET A 264 -2.87 -14.36 -6.14
C MET A 264 -4.14 -15.01 -5.60
N TYR A 265 -4.60 -16.09 -6.25
CA TYR A 265 -5.82 -16.77 -5.78
C TYR A 265 -5.64 -17.41 -4.40
N SER A 266 -4.43 -17.88 -4.07
CA SER A 266 -4.20 -18.44 -2.74
C SER A 266 -4.42 -17.44 -1.62
N CYS A 267 -4.34 -16.14 -1.95
CA CYS A 267 -4.56 -15.10 -0.96
C CYS A 267 -6.02 -14.94 -0.57
N TRP A 268 -6.94 -15.59 -1.29
CA TRP A 268 -8.37 -15.30 -1.15
C TRP A 268 -9.15 -16.48 -0.57
N HIS A 269 -8.48 -17.43 0.10
CA HIS A 269 -9.20 -18.50 0.77
C HIS A 269 -10.24 -17.89 1.70
N GLU A 270 -11.45 -18.46 1.70
CA GLU A 270 -12.47 -17.98 2.60
C GLU A 270 -11.99 -18.04 4.05
N LYS A 271 -11.30 -19.13 4.40
CA LYS A 271 -10.79 -19.31 5.75
C LYS A 271 -9.45 -18.60 5.87
N ALA A 272 -9.37 -17.63 6.79
CA ALA A 272 -8.15 -16.83 6.92
C ALA A 272 -6.94 -17.69 7.24
N ASP A 273 -7.13 -18.72 8.09
CA ASP A 273 -5.99 -19.53 8.50
C ASP A 273 -5.46 -20.41 7.39
N GLU A 274 -6.17 -20.52 6.27
CA GLU A 274 -5.71 -21.26 5.10
C GLU A 274 -4.93 -20.38 4.13
N ARG A 275 -4.89 -19.07 4.34
CA ARG A 275 -4.11 -18.22 3.45
C ARG A 275 -2.62 -18.31 3.79
N PRO A 276 -1.75 -18.13 2.82
CA PRO A 276 -0.30 -18.19 3.07
C PRO A 276 0.18 -17.02 3.93
N THR A 277 1.42 -17.14 4.41
CA THR A 277 2.18 -16.02 4.94
C THR A 277 2.89 -15.27 3.82
N PHE A 278 3.42 -14.08 4.16
CA PHE A 278 4.22 -13.35 3.17
C PHE A 278 5.54 -14.06 2.88
N LYS A 279 6.07 -14.80 3.87
CA LYS A 279 7.28 -15.57 3.60
C LYS A 279 7.03 -16.66 2.56
N ILE A 280 5.87 -17.34 2.65
CA ILE A 280 5.50 -18.36 1.67
C ILE A 280 5.20 -17.71 0.32
N LEU A 281 4.45 -16.60 0.32
CA LEU A 281 4.21 -15.89 -0.93
C LEU A 281 5.50 -15.48 -1.60
N LEU A 282 6.50 -15.05 -0.81
CA LEU A 282 7.74 -14.61 -1.45
C LEU A 282 8.44 -15.79 -2.11
N SER A 283 8.54 -16.91 -1.40
N SER A 283 8.50 -16.93 -1.43
CA SER A 283 9.07 -18.13 -1.99
CA SER A 283 9.12 -18.11 -2.03
C SER A 283 8.35 -18.48 -3.28
C SER A 283 8.35 -18.58 -3.27
N ASN A 284 7.01 -18.43 -3.26
CA ASN A 284 6.24 -18.81 -4.45
C ASN A 284 6.54 -17.85 -5.61
N ILE A 285 6.66 -16.55 -5.32
CA ILE A 285 6.93 -15.57 -6.37
C ILE A 285 8.33 -15.75 -6.93
N LEU A 286 9.30 -16.01 -6.06
CA LEU A 286 10.65 -16.27 -6.55
C LEU A 286 10.71 -17.53 -7.42
N ASP A 287 9.95 -18.57 -7.04
CA ASP A 287 9.91 -19.79 -7.85
C ASP A 287 9.36 -19.52 -9.24
N VAL A 288 8.29 -18.72 -9.33
CA VAL A 288 7.71 -18.42 -10.63
C VAL A 288 8.64 -17.55 -11.47
N MET A 289 9.39 -16.63 -10.82
N MET A 289 9.35 -16.62 -10.82
CA MET A 289 10.38 -15.86 -11.56
CA MET A 289 10.40 -15.87 -11.49
C MET A 289 11.43 -16.76 -12.20
C MET A 289 11.38 -16.79 -12.20
N ASP A 290 11.84 -17.82 -11.49
CA ASP A 290 12.82 -18.73 -12.06
C ASP A 290 12.21 -19.50 -13.22
N GLU A 291 10.96 -19.94 -13.06
CA GLU A 291 10.31 -20.78 -14.05
C GLU A 291 9.87 -20.01 -15.29
N GLU A 292 9.69 -18.69 -15.19
CA GLU A 292 9.20 -17.92 -16.33
C GLU A 292 10.25 -16.97 -16.90
N SER A 293 11.44 -16.94 -16.34
CA SER A 293 12.49 -16.05 -16.83
C SER A 293 13.87 -16.53 -16.38
S DMS B . 11.57 28.64 -2.29
O DMS B . 11.46 27.36 -1.53
C1 DMS B . 10.41 28.63 -3.69
C2 DMS B . 10.81 29.91 -1.29
S1 DTT C . -2.51 6.70 -6.99
C1 DTT C . -3.13 8.28 -6.33
C2 DTT C . -4.34 8.18 -5.40
O2 DTT C . -4.10 7.23 -4.38
C3 DTT C . -5.64 7.82 -6.12
O3 DTT C . -5.37 7.21 -7.36
C4 DTT C . -6.53 6.92 -5.27
S4 DTT C . -7.65 5.89 -6.26
N1 S5M D . 6.97 10.53 -3.28
N3 S5M D . -1.65 10.20 0.02
C4 S5M D . 4.68 11.04 -3.92
C5 S5M D . 4.26 10.82 -2.61
C6 S5M D . 2.86 10.94 -2.15
C7 S5M D . 2.36 10.12 -1.15
C8 S5M D . 1.05 10.23 -0.74
C10 S5M D . -1.22 11.31 -0.83
C13 S5M D . -2.40 9.29 3.48
C15 S5M D . -3.46 7.12 3.61
C17 S5M D . -3.76 4.64 3.96
C20 S5M D . -3.23 6.98 2.24
C21 S5M D . -2.60 7.97 1.51
C22 S5M D . 0.70 12.01 -2.27
C24 S5M D . 6.45 10.34 -2.07
C1 S5M D . 6.06 10.89 -4.19
C11 S5M D . -1.52 10.24 1.35
C12 S5M D . -2.19 9.14 2.12
C14 S5M D . -3.04 8.30 4.21
C16 S5M D . -4.18 6.03 4.41
C18 S5M D . -5.70 6.17 4.23
C19 S5M D . -3.88 6.17 5.91
C2 S5M D . 5.06 11.46 -6.09
C23 S5M D . 2.02 11.91 -2.69
C3 S5M D . 4.06 11.41 -5.17
C9 S5M D . 0.20 11.18 -1.29
N2 S5M D . 6.27 11.15 -5.52
N4 S5M D . 5.17 10.48 -1.67
O1 S5M D . -0.91 11.14 1.92
#